data_2LWV
#
_entry.id   2LWV
#
_entity_poly.entity_id   1
_entity_poly.type   'polypeptide(L)'
_entity_poly.pdbx_seq_one_letter_code
;GHCIQVPPMATEICFSD
;
_entity_poly.pdbx_strand_id   A
#
# COMPACT_ATOMS: atom_id res chain seq x y z
N GLY A 1 4.92 9.76 1.39
CA GLY A 1 3.62 10.03 0.82
C GLY A 1 3.30 9.11 -0.34
N HIS A 2 3.82 7.89 -0.29
CA HIS A 2 3.58 6.91 -1.35
C HIS A 2 2.84 5.70 -0.80
N CYS A 3 1.96 5.13 -1.64
CA CYS A 3 1.19 3.97 -1.24
C CYS A 3 0.92 3.05 -2.44
N ILE A 4 0.75 1.77 -2.17
CA ILE A 4 0.50 0.79 -3.23
C ILE A 4 -0.55 -0.22 -2.79
N GLN A 5 -1.34 -0.70 -3.75
CA GLN A 5 -2.39 -1.68 -3.47
C GLN A 5 -2.04 -3.04 -4.06
N VAL A 6 -2.22 -4.09 -3.28
CA VAL A 6 -1.92 -5.45 -3.73
C VAL A 6 -2.83 -6.46 -3.05
N PRO A 7 -2.98 -7.64 -3.67
CA PRO A 7 -3.81 -8.72 -3.14
C PRO A 7 -3.22 -9.36 -1.89
N PRO A 8 -4.08 -9.76 -0.96
CA PRO A 8 -5.53 -9.61 -1.11
C PRO A 8 -5.98 -8.16 -1.03
N MET A 9 -7.24 -7.91 -1.37
CA MET A 9 -7.79 -6.55 -1.34
C MET A 9 -7.32 -5.81 -0.09
N ALA A 10 -7.23 -6.53 1.03
CA ALA A 10 -6.78 -5.93 2.28
C ALA A 10 -5.27 -6.02 2.43
N THR A 11 -4.55 -5.27 1.60
CA THR A 11 -3.09 -5.27 1.64
C THR A 11 -2.52 -4.07 0.88
N GLU A 12 -2.24 -3.00 1.61
CA GLU A 12 -1.69 -1.80 1.00
C GLU A 12 -0.45 -1.32 1.76
N ILE A 13 0.67 -1.21 1.05
CA ILE A 13 1.92 -0.76 1.66
C ILE A 13 2.09 0.75 1.49
N CYS A 14 2.03 1.48 2.60
CA CYS A 14 2.20 2.92 2.59
C CYS A 14 3.55 3.32 3.14
N PHE A 15 4.38 3.92 2.28
CA PHE A 15 5.71 4.35 2.67
C PHE A 15 5.65 5.66 3.45
N SER A 16 6.82 6.16 3.86
CA SER A 16 6.89 7.40 4.62
C SER A 16 6.90 8.61 3.70
N ASP A 17 7.32 8.39 2.45
CA ASP A 17 7.38 9.46 1.46
C ASP A 17 6.09 9.52 0.65
N GLY A 1 4.83 9.83 1.51
CA GLY A 1 3.46 10.00 1.05
C GLY A 1 3.12 9.11 -0.13
N HIS A 2 3.69 7.92 -0.15
CA HIS A 2 3.45 6.97 -1.23
C HIS A 2 2.72 5.72 -0.71
N CYS A 3 1.83 5.18 -1.54
CA CYS A 3 1.06 4.00 -1.16
C CYS A 3 0.79 3.12 -2.38
N ILE A 4 0.61 1.83 -2.15
CA ILE A 4 0.34 0.88 -3.22
C ILE A 4 -0.72 -0.14 -2.80
N GLN A 5 -1.33 -0.78 -3.79
CA GLN A 5 -2.36 -1.79 -3.52
C GLN A 5 -1.91 -3.16 -4.03
N VAL A 6 -2.14 -4.18 -3.21
CA VAL A 6 -1.77 -5.54 -3.57
C VAL A 6 -2.69 -6.56 -2.93
N PRO A 7 -2.76 -7.77 -3.52
CA PRO A 7 -3.61 -8.85 -3.00
C PRO A 7 -3.09 -9.41 -1.68
N PRO A 8 -4.04 -9.79 -0.80
CA PRO A 8 -5.47 -9.68 -1.07
C PRO A 8 -5.94 -8.24 -1.09
N MET A 9 -7.17 -8.02 -1.56
CA MET A 9 -7.74 -6.68 -1.63
C MET A 9 -7.40 -5.88 -0.38
N ALA A 10 -7.39 -6.55 0.77
CA ALA A 10 -7.08 -5.90 2.03
C ALA A 10 -5.59 -5.95 2.33
N THR A 11 -4.81 -5.19 1.54
CA THR A 11 -3.37 -5.15 1.71
C THR A 11 -2.76 -3.96 0.99
N GLU A 12 -2.49 -2.89 1.73
CA GLU A 12 -1.91 -1.69 1.15
C GLU A 12 -0.59 -1.33 1.85
N ILE A 13 0.45 -1.12 1.06
CA ILE A 13 1.76 -0.79 1.59
C ILE A 13 2.07 0.69 1.37
N CYS A 14 2.25 1.43 2.47
CA CYS A 14 2.55 2.85 2.40
C CYS A 14 3.98 3.12 2.86
N PHE A 15 4.62 4.11 2.24
CA PHE A 15 5.98 4.47 2.59
C PHE A 15 6.01 5.76 3.40
N SER A 16 7.22 6.19 3.78
CA SER A 16 7.38 7.41 4.56
C SER A 16 7.41 8.64 3.66
N ASP A 17 7.27 8.41 2.35
CA ASP A 17 7.28 9.50 1.39
C ASP A 17 5.93 9.63 0.70
N GLY A 1 4.76 9.83 1.43
CA GLY A 1 3.41 10.03 0.93
C GLY A 1 3.09 9.13 -0.25
N HIS A 2 3.70 7.95 -0.26
CA HIS A 2 3.47 6.99 -1.33
C HIS A 2 2.84 5.71 -0.79
N CYS A 3 1.96 5.11 -1.59
CA CYS A 3 1.28 3.88 -1.20
C CYS A 3 1.04 2.98 -2.40
N ILE A 4 0.77 1.71 -2.14
CA ILE A 4 0.52 0.75 -3.21
C ILE A 4 -0.54 -0.26 -2.79
N GLN A 5 -1.31 -0.75 -3.76
CA GLN A 5 -2.36 -1.73 -3.49
C GLN A 5 -2.00 -3.09 -4.05
N VAL A 6 -2.20 -4.14 -3.26
CA VAL A 6 -1.89 -5.50 -3.68
C VAL A 6 -2.82 -6.51 -3.00
N PRO A 7 -2.96 -7.69 -3.62
CA PRO A 7 -3.80 -8.76 -3.10
C PRO A 7 -3.25 -9.38 -1.83
N PRO A 8 -4.15 -9.76 -0.91
CA PRO A 8 -5.59 -9.62 -1.11
C PRO A 8 -6.03 -8.17 -1.07
N MET A 9 -7.28 -7.92 -1.45
CA MET A 9 -7.82 -6.56 -1.45
C MET A 9 -7.39 -5.80 -0.21
N ALA A 10 -7.33 -6.51 0.92
CA ALA A 10 -6.93 -5.90 2.19
C ALA A 10 -5.42 -5.98 2.39
N THR A 11 -4.67 -5.23 1.57
CA THR A 11 -3.22 -5.23 1.66
C THR A 11 -2.63 -4.04 0.91
N GLU A 12 -2.35 -2.96 1.64
CA GLU A 12 -1.78 -1.76 1.05
C GLU A 12 -0.50 -1.34 1.78
N ILE A 13 0.61 -1.32 1.04
CA ILE A 13 1.89 -0.93 1.62
C ILE A 13 2.16 0.55 1.41
N CYS A 14 2.27 1.28 2.52
CA CYS A 14 2.54 2.72 2.46
C CYS A 14 3.97 3.02 2.88
N PHE A 15 4.49 4.16 2.41
CA PHE A 15 5.85 4.56 2.73
C PHE A 15 5.85 5.88 3.50
N SER A 16 7.04 6.32 3.91
CA SER A 16 7.18 7.56 4.65
C SER A 16 7.25 8.76 3.71
N ASP A 17 7.16 8.49 2.41
CA ASP A 17 7.22 9.55 1.41
C ASP A 17 5.89 9.67 0.67
N GLY A 1 5.03 9.72 1.54
CA GLY A 1 3.66 9.97 1.09
C GLY A 1 3.27 9.10 -0.09
N HIS A 2 3.82 7.89 -0.14
CA HIS A 2 3.51 6.97 -1.22
C HIS A 2 2.74 5.77 -0.72
N CYS A 3 1.81 5.28 -1.54
CA CYS A 3 1.01 4.12 -1.16
C CYS A 3 0.64 3.29 -2.40
N ILE A 4 0.48 1.98 -2.19
CA ILE A 4 0.13 1.09 -3.29
C ILE A 4 -0.84 0.01 -2.83
N GLN A 5 -1.47 -0.67 -3.78
CA GLN A 5 -2.42 -1.72 -3.47
C GLN A 5 -1.92 -3.07 -3.95
N VAL A 6 -2.11 -4.10 -3.13
CA VAL A 6 -1.68 -5.46 -3.46
C VAL A 6 -2.57 -6.50 -2.82
N PRO A 7 -2.57 -7.71 -3.40
CA PRO A 7 -3.38 -8.83 -2.89
C PRO A 7 -2.89 -9.34 -1.55
N PRO A 8 -3.83 -9.76 -0.69
CA PRO A 8 -5.27 -9.72 -1.00
C PRO A 8 -5.80 -8.29 -1.06
N MET A 9 -7.02 -8.14 -1.55
CA MET A 9 -7.64 -6.82 -1.66
C MET A 9 -7.37 -5.99 -0.42
N ALA A 10 -7.36 -6.65 0.75
CA ALA A 10 -7.11 -5.97 2.00
C ALA A 10 -5.62 -5.94 2.33
N THR A 11 -4.86 -5.17 1.56
CA THR A 11 -3.43 -5.07 1.76
C THR A 11 -2.85 -3.86 1.03
N GLU A 12 -2.69 -2.76 1.75
CA GLU A 12 -2.14 -1.54 1.16
C GLU A 12 -0.78 -1.20 1.76
N ILE A 13 0.24 -1.21 0.91
CA ILE A 13 1.59 -0.91 1.36
C ILE A 13 1.92 0.57 1.19
N CYS A 14 2.17 1.24 2.32
CA CYS A 14 2.50 2.66 2.29
C CYS A 14 3.95 2.90 2.70
N PHE A 15 4.48 4.05 2.31
CA PHE A 15 5.86 4.40 2.63
C PHE A 15 5.92 5.70 3.43
N SER A 16 7.13 6.12 3.77
CA SER A 16 7.33 7.35 4.54
C SER A 16 7.25 8.57 3.63
N ASP A 17 7.52 8.37 2.35
CA ASP A 17 7.48 9.46 1.38
C ASP A 17 6.12 9.53 0.69
N GLY A 1 4.28 9.01 1.92
CA GLY A 1 2.99 9.32 1.34
C GLY A 1 2.57 8.31 0.29
N HIS A 2 3.49 8.00 -0.63
CA HIS A 2 3.21 7.05 -1.69
C HIS A 2 2.69 5.73 -1.13
N CYS A 3 1.77 5.09 -1.86
CA CYS A 3 1.20 3.84 -1.43
C CYS A 3 1.01 2.89 -2.61
N ILE A 4 0.85 1.60 -2.33
CA ILE A 4 0.66 0.60 -3.36
C ILE A 4 -0.43 -0.40 -2.97
N GLN A 5 -1.21 -0.83 -3.94
CA GLN A 5 -2.29 -1.79 -3.70
C GLN A 5 -1.87 -3.19 -4.15
N VAL A 6 -2.10 -4.18 -3.28
CA VAL A 6 -1.74 -5.56 -3.58
C VAL A 6 -2.68 -6.53 -2.88
N PRO A 7 -2.78 -7.76 -3.42
CA PRO A 7 -3.64 -8.81 -2.85
C PRO A 7 -3.11 -9.33 -1.52
N PRO A 8 -4.04 -9.65 -0.61
CA PRO A 8 -5.48 -9.52 -0.86
C PRO A 8 -5.93 -8.07 -0.94
N MET A 9 -7.16 -7.86 -1.40
CA MET A 9 -7.72 -6.52 -1.52
C MET A 9 -7.34 -5.67 -0.31
N ALA A 10 -7.34 -6.29 0.87
CA ALA A 10 -7.01 -5.59 2.10
C ALA A 10 -5.51 -5.66 2.38
N THR A 11 -4.72 -4.96 1.56
CA THR A 11 -3.27 -4.95 1.72
C THR A 11 -2.64 -3.79 0.95
N GLU A 12 -2.32 -2.72 1.67
CA GLU A 12 -1.72 -1.55 1.04
C GLU A 12 -0.50 -1.08 1.83
N ILE A 13 0.62 -0.92 1.14
CA ILE A 13 1.87 -0.49 1.77
C ILE A 13 2.17 0.97 1.42
N CYS A 14 2.20 1.82 2.44
CA CYS A 14 2.49 3.23 2.25
C CYS A 14 3.92 3.56 2.68
N PHE A 15 4.73 3.97 1.71
CA PHE A 15 6.12 4.32 1.98
C PHE A 15 6.21 5.45 2.99
N SER A 16 7.43 5.76 3.43
CA SER A 16 7.65 6.82 4.40
C SER A 16 7.07 8.13 3.91
N ASP A 17 7.24 8.42 2.63
CA ASP A 17 6.73 9.65 2.03
C ASP A 17 5.24 9.82 2.33
N GLY A 1 4.61 9.06 1.87
CA GLY A 1 3.20 9.25 1.60
C GLY A 1 2.68 8.31 0.55
N HIS A 2 3.48 8.08 -0.49
CA HIS A 2 3.08 7.20 -1.58
C HIS A 2 2.60 5.85 -1.04
N CYS A 3 1.63 5.25 -1.72
CA CYS A 3 1.09 3.96 -1.31
C CYS A 3 0.88 3.05 -2.52
N ILE A 4 0.72 1.76 -2.25
CA ILE A 4 0.51 0.79 -3.32
C ILE A 4 -0.51 -0.27 -2.90
N GLN A 5 -1.28 -0.75 -3.88
CA GLN A 5 -2.29 -1.77 -3.61
C GLN A 5 -1.80 -3.15 -4.03
N VAL A 6 -2.02 -4.14 -3.18
CA VAL A 6 -1.62 -5.50 -3.47
C VAL A 6 -2.54 -6.52 -2.80
N PRO A 7 -2.55 -7.75 -3.33
CA PRO A 7 -3.40 -8.82 -2.81
C PRO A 7 -2.92 -9.31 -1.45
N PRO A 8 -3.88 -9.68 -0.58
CA PRO A 8 -5.30 -9.62 -0.90
C PRO A 8 -5.81 -8.18 -1.02
N MET A 9 -7.02 -8.02 -1.54
CA MET A 9 -7.62 -6.71 -1.70
C MET A 9 -7.35 -5.84 -0.48
N ALA A 10 -7.38 -6.45 0.71
CA ALA A 10 -7.13 -5.73 1.94
C ALA A 10 -5.65 -5.74 2.30
N THR A 11 -4.86 -5.02 1.52
CA THR A 11 -3.42 -4.93 1.75
C THR A 11 -2.80 -3.76 0.99
N GLU A 12 -2.57 -2.67 1.71
CA GLU A 12 -1.99 -1.47 1.12
C GLU A 12 -0.79 -1.00 1.91
N ILE A 13 0.36 -0.90 1.25
CA ILE A 13 1.58 -0.46 1.90
C ILE A 13 1.92 0.99 1.52
N CYS A 14 2.13 1.82 2.54
CA CYS A 14 2.46 3.22 2.31
C CYS A 14 3.90 3.51 2.67
N PHE A 15 4.69 3.91 1.68
CA PHE A 15 6.10 4.22 1.90
C PHE A 15 6.27 5.31 2.95
N SER A 16 7.51 5.70 3.20
CA SER A 16 7.81 6.74 4.18
C SER A 16 7.17 8.06 3.79
N ASP A 17 7.48 8.53 2.58
CA ASP A 17 6.94 9.79 2.09
C ASP A 17 5.72 9.54 1.21
N GLY A 1 5.02 9.79 1.32
CA GLY A 1 3.68 10.01 0.80
C GLY A 1 3.35 9.08 -0.37
N HIS A 2 3.86 7.86 -0.30
CA HIS A 2 3.62 6.87 -1.36
C HIS A 2 2.80 5.70 -0.82
N CYS A 3 1.89 5.21 -1.64
CA CYS A 3 1.04 4.08 -1.25
C CYS A 3 0.70 3.21 -2.46
N ILE A 4 0.57 1.91 -2.23
CA ILE A 4 0.25 0.97 -3.30
C ILE A 4 -0.68 -0.13 -2.80
N GLN A 5 -1.54 -0.62 -3.69
CA GLN A 5 -2.47 -1.68 -3.34
C GLN A 5 -2.04 -3.01 -3.94
N VAL A 6 -2.21 -4.09 -3.18
CA VAL A 6 -1.83 -5.42 -3.64
C VAL A 6 -2.72 -6.49 -3.02
N PRO A 7 -2.79 -7.65 -3.67
CA PRO A 7 -3.60 -8.78 -3.20
C PRO A 7 -3.05 -9.40 -1.92
N PRO A 8 -3.95 -9.85 -1.03
CA PRO A 8 -5.39 -9.74 -1.26
C PRO A 8 -5.89 -8.30 -1.19
N MET A 9 -7.13 -8.08 -1.62
CA MET A 9 -7.72 -6.74 -1.60
C MET A 9 -7.35 -6.00 -0.32
N ALA A 10 -7.32 -6.74 0.79
CA ALA A 10 -6.98 -6.13 2.08
C ALA A 10 -5.48 -6.19 2.33
N THR A 11 -4.73 -5.40 1.57
CA THR A 11 -3.27 -5.35 1.70
C THR A 11 -2.69 -4.13 1.03
N GLU A 12 -2.44 -3.08 1.82
CA GLU A 12 -1.89 -1.84 1.30
C GLU A 12 -0.69 -1.38 2.13
N ILE A 13 0.36 -0.91 1.44
CA ILE A 13 1.56 -0.46 2.11
C ILE A 13 1.85 1.00 1.78
N CYS A 14 2.00 1.82 2.82
CA CYS A 14 2.28 3.24 2.65
C CYS A 14 3.68 3.59 3.14
N PHE A 15 4.53 4.01 2.21
CA PHE A 15 5.90 4.37 2.55
C PHE A 15 5.94 5.69 3.34
N SER A 16 7.14 6.07 3.77
CA SER A 16 7.32 7.31 4.53
C SER A 16 7.44 8.51 3.62
N ASP A 17 7.35 8.26 2.31
CA ASP A 17 7.46 9.32 1.32
C ASP A 17 6.14 9.50 0.57
N GLY A 1 4.55 8.99 1.95
CA GLY A 1 3.14 9.17 1.68
C GLY A 1 2.63 8.25 0.60
N HIS A 2 3.45 8.04 -0.43
CA HIS A 2 3.08 7.17 -1.54
C HIS A 2 2.58 5.81 -1.03
N CYS A 3 1.62 5.24 -1.73
CA CYS A 3 1.06 3.94 -1.35
C CYS A 3 0.83 3.07 -2.58
N ILE A 4 0.63 1.77 -2.35
CA ILE A 4 0.41 0.83 -3.43
C ILE A 4 -0.59 -0.25 -3.02
N GLN A 5 -1.36 -0.74 -3.99
CA GLN A 5 -2.36 -1.77 -3.73
C GLN A 5 -1.82 -3.14 -4.10
N VAL A 6 -2.02 -4.11 -3.20
CA VAL A 6 -1.57 -5.47 -3.42
C VAL A 6 -2.47 -6.48 -2.74
N PRO A 7 -2.45 -7.73 -3.22
CA PRO A 7 -3.26 -8.81 -2.66
C PRO A 7 -2.79 -9.24 -1.28
N PRO A 8 -3.75 -9.60 -0.41
CA PRO A 8 -5.17 -9.58 -0.75
C PRO A 8 -5.71 -8.16 -0.91
N MET A 9 -6.92 -8.05 -1.47
CA MET A 9 -7.54 -6.75 -1.68
C MET A 9 -7.32 -5.84 -0.48
N ALA A 10 -7.34 -6.41 0.72
CA ALA A 10 -7.14 -5.65 1.93
C ALA A 10 -5.67 -5.60 2.31
N THR A 11 -4.88 -4.89 1.52
CA THR A 11 -3.45 -4.77 1.77
C THR A 11 -2.85 -3.60 1.00
N GLU A 12 -2.67 -2.48 1.69
CA GLU A 12 -2.10 -1.28 1.07
C GLU A 12 -0.83 -0.85 1.78
N ILE A 13 0.30 -0.95 1.08
CA ILE A 13 1.59 -0.56 1.64
C ILE A 13 1.92 0.89 1.34
N CYS A 14 2.15 1.68 2.39
CA CYS A 14 2.49 3.09 2.23
C CYS A 14 3.94 3.35 2.60
N PHE A 15 4.71 3.87 1.65
CA PHE A 15 6.11 4.17 1.88
C PHE A 15 6.27 5.25 2.95
N SER A 16 7.51 5.63 3.23
CA SER A 16 7.80 6.64 4.23
C SER A 16 7.14 7.97 3.88
N ASP A 17 7.44 8.46 2.68
CA ASP A 17 6.88 9.73 2.21
C ASP A 17 5.68 9.49 1.31
N GLY A 1 5.04 9.77 1.35
CA GLY A 1 3.71 10.02 0.83
C GLY A 1 3.35 9.11 -0.33
N HIS A 2 3.85 7.88 -0.29
CA HIS A 2 3.59 6.91 -1.35
C HIS A 2 2.78 5.73 -0.82
N CYS A 3 1.85 5.25 -1.63
CA CYS A 3 1.01 4.11 -1.23
C CYS A 3 0.66 3.25 -2.44
N ILE A 4 0.53 1.95 -2.23
CA ILE A 4 0.19 1.03 -3.30
C ILE A 4 -0.73 -0.09 -2.80
N GLN A 5 -1.54 -0.62 -3.69
CA GLN A 5 -2.46 -1.70 -3.34
C GLN A 5 -2.00 -3.03 -3.92
N VAL A 6 -2.19 -4.10 -3.15
CA VAL A 6 -1.79 -5.43 -3.59
C VAL A 6 -2.68 -6.50 -2.97
N PRO A 7 -2.73 -7.68 -3.62
CA PRO A 7 -3.54 -8.80 -3.16
C PRO A 7 -3.00 -9.42 -1.87
N PRO A 8 -3.92 -9.85 -0.99
CA PRO A 8 -5.36 -9.76 -1.24
C PRO A 8 -5.86 -8.32 -1.19
N MET A 9 -7.10 -8.11 -1.65
CA MET A 9 -7.70 -6.78 -1.66
C MET A 9 -7.36 -6.02 -0.37
N ALA A 10 -7.34 -6.75 0.75
CA ALA A 10 -7.02 -6.15 2.04
C ALA A 10 -5.53 -6.18 2.32
N THR A 11 -4.78 -5.38 1.56
CA THR A 11 -3.33 -5.32 1.73
C THR A 11 -2.75 -4.08 1.05
N GLU A 12 -2.48 -3.05 1.84
CA GLU A 12 -1.91 -1.81 1.31
C GLU A 12 -0.70 -1.37 2.13
N ILE A 13 0.33 -0.90 1.44
CA ILE A 13 1.55 -0.46 2.09
C ILE A 13 1.85 1.01 1.76
N CYS A 14 1.99 1.82 2.80
CA CYS A 14 2.28 3.24 2.61
C CYS A 14 3.69 3.58 3.10
N PHE A 15 4.54 4.00 2.17
CA PHE A 15 5.92 4.35 2.50
C PHE A 15 5.97 5.65 3.30
N SER A 16 7.17 6.03 3.73
CA SER A 16 7.35 7.24 4.52
C SER A 16 7.48 8.46 3.60
N ASP A 17 7.38 8.23 2.30
CA ASP A 17 7.48 9.31 1.32
C ASP A 17 6.16 9.49 0.57
N GLY A 1 4.45 8.97 1.98
CA GLY A 1 3.09 9.23 1.56
C GLY A 1 2.63 8.28 0.47
N HIS A 2 3.52 7.99 -0.48
CA HIS A 2 3.20 7.08 -1.58
C HIS A 2 2.63 5.77 -1.05
N CYS A 3 1.69 5.19 -1.80
CA CYS A 3 1.06 3.94 -1.41
C CYS A 3 0.80 3.07 -2.63
N ILE A 4 0.64 1.77 -2.40
CA ILE A 4 0.38 0.82 -3.48
C ILE A 4 -0.65 -0.22 -3.05
N GLN A 5 -1.33 -0.80 -4.04
CA GLN A 5 -2.34 -1.82 -3.77
C GLN A 5 -1.82 -3.21 -4.12
N VAL A 6 -2.03 -4.16 -3.22
CA VAL A 6 -1.59 -5.53 -3.43
C VAL A 6 -2.50 -6.52 -2.72
N PRO A 7 -2.49 -7.77 -3.21
CA PRO A 7 -3.31 -8.85 -2.63
C PRO A 7 -2.85 -9.27 -1.24
N PRO A 8 -3.80 -9.60 -0.36
CA PRO A 8 -5.22 -9.57 -0.70
C PRO A 8 -5.74 -8.15 -0.87
N MET A 9 -6.95 -8.03 -1.42
CA MET A 9 -7.56 -6.72 -1.64
C MET A 9 -7.32 -5.80 -0.45
N ALA A 10 -7.35 -6.36 0.75
CA ALA A 10 -7.13 -5.59 1.97
C ALA A 10 -5.65 -5.56 2.33
N THR A 11 -4.86 -4.85 1.54
CA THR A 11 -3.43 -4.73 1.77
C THR A 11 -2.84 -3.57 0.99
N GLU A 12 -2.62 -2.45 1.68
CA GLU A 12 -2.05 -1.26 1.06
C GLU A 12 -0.74 -0.87 1.73
N ILE A 13 0.35 -0.96 0.96
CA ILE A 13 1.66 -0.60 1.47
C ILE A 13 1.99 0.86 1.21
N CYS A 14 2.21 1.62 2.27
CA CYS A 14 2.54 3.03 2.15
C CYS A 14 3.98 3.30 2.55
N PHE A 15 4.74 3.92 1.65
CA PHE A 15 6.14 4.22 1.91
C PHE A 15 6.27 5.31 2.97
N SER A 16 7.51 5.67 3.30
CA SER A 16 7.77 6.69 4.30
C SER A 16 7.20 8.04 3.88
N ASP A 17 7.37 8.37 2.61
CA ASP A 17 6.87 9.63 2.08
C ASP A 17 5.38 9.80 2.38
N GLY A 1 5.44 9.58 1.35
CA GLY A 1 4.10 9.94 0.96
C GLY A 1 3.59 9.12 -0.20
N HIS A 2 3.98 7.85 -0.25
CA HIS A 2 3.56 6.95 -1.32
C HIS A 2 2.67 5.84 -0.78
N CYS A 3 1.64 5.49 -1.53
CA CYS A 3 0.72 4.43 -1.12
C CYS A 3 0.18 3.68 -2.34
N ILE A 4 0.10 2.36 -2.22
CA ILE A 4 -0.40 1.53 -3.31
C ILE A 4 -1.14 0.31 -2.77
N GLN A 5 -1.91 -0.33 -3.64
CA GLN A 5 -2.68 -1.52 -3.25
C GLN A 5 -1.95 -2.79 -3.68
N VAL A 6 -2.01 -3.81 -2.82
CA VAL A 6 -1.36 -5.09 -3.12
C VAL A 6 -2.19 -6.26 -2.59
N PRO A 7 -1.96 -7.45 -3.16
CA PRO A 7 -2.67 -8.66 -2.77
C PRO A 7 -2.26 -9.15 -1.37
N PRO A 8 -3.24 -9.68 -0.63
CA PRO A 8 -4.62 -9.80 -1.09
C PRO A 8 -5.31 -8.45 -1.21
N MET A 9 -6.48 -8.43 -1.86
CA MET A 9 -7.24 -7.20 -2.03
C MET A 9 -7.21 -6.36 -0.76
N ALA A 10 -7.28 -7.03 0.39
CA ALA A 10 -7.27 -6.34 1.67
C ALA A 10 -5.83 -6.15 2.18
N THR A 11 -5.07 -5.30 1.50
CA THR A 11 -3.69 -5.03 1.88
C THR A 11 -3.17 -3.76 1.23
N GLU A 12 -3.17 -2.67 2.00
CA GLU A 12 -2.70 -1.39 1.50
C GLU A 12 -1.37 -1.00 2.15
N ILE A 13 -0.33 -0.91 1.33
CA ILE A 13 1.00 -0.55 1.83
C ILE A 13 1.28 0.93 1.62
N CYS A 14 1.84 1.58 2.64
CA CYS A 14 2.17 2.99 2.56
C CYS A 14 3.62 3.24 2.93
N PHE A 15 4.40 3.73 1.97
CA PHE A 15 5.81 4.00 2.19
C PHE A 15 5.99 5.27 3.03
N SER A 16 7.22 5.53 3.45
CA SER A 16 7.53 6.70 4.26
C SER A 16 7.76 7.93 3.37
N ASP A 17 7.61 7.74 2.07
CA ASP A 17 7.80 8.83 1.12
C ASP A 17 6.47 9.24 0.50
N GLY A 1 5.02 9.78 1.33
CA GLY A 1 3.68 10.01 0.82
C GLY A 1 3.33 9.10 -0.33
N HIS A 2 3.85 7.87 -0.29
CA HIS A 2 3.58 6.90 -1.35
C HIS A 2 2.79 5.71 -0.81
N CYS A 3 1.86 5.22 -1.63
CA CYS A 3 1.03 4.09 -1.23
C CYS A 3 0.69 3.21 -2.44
N ILE A 4 0.56 1.91 -2.21
CA ILE A 4 0.23 0.97 -3.28
C ILE A 4 -0.70 -0.12 -2.79
N GLN A 5 -1.51 -0.65 -3.70
CA GLN A 5 -2.45 -1.71 -3.34
C GLN A 5 -2.01 -3.04 -3.93
N VAL A 6 -2.20 -4.12 -3.17
CA VAL A 6 -1.82 -5.46 -3.62
C VAL A 6 -2.72 -6.52 -3.01
N PRO A 7 -2.78 -7.68 -3.67
CA PRO A 7 -3.60 -8.80 -3.20
C PRO A 7 -3.06 -9.44 -1.92
N PRO A 8 -3.97 -9.87 -1.04
CA PRO A 8 -5.41 -9.76 -1.27
C PRO A 8 -5.90 -8.31 -1.21
N MET A 9 -7.14 -8.09 -1.65
CA MET A 9 -7.72 -6.75 -1.64
C MET A 9 -7.37 -6.01 -0.36
N ALA A 10 -7.33 -6.74 0.75
CA ALA A 10 -7.01 -6.16 2.05
C ALA A 10 -5.51 -6.21 2.31
N THR A 11 -4.76 -5.41 1.56
CA THR A 11 -3.31 -5.37 1.71
C THR A 11 -2.72 -4.13 1.04
N GLU A 12 -2.44 -3.10 1.85
CA GLU A 12 -1.88 -1.86 1.33
C GLU A 12 -0.66 -1.44 2.15
N ILE A 13 0.32 -0.85 1.48
CA ILE A 13 1.54 -0.40 2.15
C ILE A 13 1.84 1.06 1.80
N CYS A 14 2.00 1.88 2.83
CA CYS A 14 2.29 3.30 2.64
C CYS A 14 3.70 3.63 3.13
N PHE A 15 4.56 4.04 2.20
CA PHE A 15 5.94 4.38 2.54
C PHE A 15 5.99 5.69 3.33
N SER A 16 7.20 6.08 3.73
CA SER A 16 7.38 7.30 4.50
C SER A 16 7.50 8.51 3.58
N ASP A 17 7.38 8.27 2.28
CA ASP A 17 7.47 9.35 1.30
C ASP A 17 6.14 9.50 0.56
N GLY A 1 5.01 9.76 1.51
CA GLY A 1 3.67 9.95 1.00
C GLY A 1 3.36 9.03 -0.16
N HIS A 2 3.89 7.81 -0.11
CA HIS A 2 3.67 6.84 -1.18
C HIS A 2 2.76 5.71 -0.69
N CYS A 3 1.89 5.24 -1.58
CA CYS A 3 0.97 4.16 -1.25
C CYS A 3 0.65 3.32 -2.48
N ILE A 4 0.33 2.05 -2.25
CA ILE A 4 0.00 1.14 -3.34
C ILE A 4 -0.94 0.04 -2.87
N GLN A 5 -1.58 -0.63 -3.83
CA GLN A 5 -2.52 -1.71 -3.52
C GLN A 5 -1.98 -3.05 -3.98
N VAL A 6 -2.15 -4.07 -3.15
CA VAL A 6 -1.68 -5.42 -3.48
C VAL A 6 -2.56 -6.48 -2.82
N PRO A 7 -2.52 -7.69 -3.38
CA PRO A 7 -3.31 -8.82 -2.86
C PRO A 7 -2.78 -9.32 -1.51
N PRO A 8 -3.72 -9.73 -0.64
CA PRO A 8 -5.15 -9.73 -0.94
C PRO A 8 -5.72 -8.31 -1.01
N MET A 9 -6.94 -8.20 -1.50
CA MET A 9 -7.60 -6.90 -1.62
C MET A 9 -7.34 -6.05 -0.38
N ALA A 10 -7.31 -6.69 0.78
CA ALA A 10 -7.06 -5.99 2.04
C ALA A 10 -5.57 -5.93 2.35
N THR A 11 -4.83 -5.15 1.57
CA THR A 11 -3.40 -5.02 1.77
C THR A 11 -2.85 -3.80 1.02
N GLU A 12 -2.68 -2.70 1.74
CA GLU A 12 -2.16 -1.47 1.15
C GLU A 12 -0.80 -1.10 1.74
N ILE A 13 0.22 -1.09 0.90
CA ILE A 13 1.57 -0.76 1.34
C ILE A 13 1.85 0.73 1.18
N CYS A 14 2.12 1.41 2.28
CA CYS A 14 2.41 2.84 2.26
C CYS A 14 3.80 3.12 2.82
N PHE A 15 4.57 3.93 2.10
CA PHE A 15 5.92 4.29 2.53
C PHE A 15 5.91 5.57 3.36
N SER A 16 7.08 5.97 3.84
CA SER A 16 7.20 7.17 4.64
C SER A 16 7.35 8.41 3.76
N ASP A 17 7.31 8.19 2.45
CA ASP A 17 7.45 9.28 1.50
C ASP A 17 6.13 9.52 0.75
N GLY A 1 4.49 9.04 1.90
CA GLY A 1 3.08 9.21 1.61
C GLY A 1 2.60 8.25 0.53
N HIS A 2 3.43 8.03 -0.48
CA HIS A 2 3.09 7.13 -1.57
C HIS A 2 2.62 5.78 -1.04
N CYS A 3 1.66 5.16 -1.73
CA CYS A 3 1.14 3.86 -1.33
C CYS A 3 0.96 2.95 -2.54
N ILE A 4 0.75 1.67 -2.28
CA ILE A 4 0.56 0.70 -3.34
C ILE A 4 -0.49 -0.34 -2.96
N GLN A 5 -1.26 -0.79 -3.95
CA GLN A 5 -2.30 -1.78 -3.72
C GLN A 5 -1.84 -3.17 -4.13
N VAL A 6 -2.06 -4.14 -3.26
CA VAL A 6 -1.66 -5.52 -3.53
C VAL A 6 -2.59 -6.51 -2.84
N PRO A 7 -2.63 -7.74 -3.36
CA PRO A 7 -3.47 -8.81 -2.80
C PRO A 7 -2.97 -9.30 -1.45
N PRO A 8 -3.91 -9.64 -0.56
CA PRO A 8 -5.34 -9.56 -0.84
C PRO A 8 -5.84 -8.12 -0.96
N MET A 9 -7.05 -7.95 -1.45
CA MET A 9 -7.64 -6.62 -1.61
C MET A 9 -7.32 -5.74 -0.39
N ALA A 10 -7.34 -6.35 0.79
CA ALA A 10 -7.06 -5.63 2.02
C ALA A 10 -5.57 -5.66 2.34
N THR A 11 -4.78 -4.94 1.54
CA THR A 11 -3.34 -4.90 1.74
C THR A 11 -2.72 -3.72 0.97
N GLU A 12 -2.52 -2.61 1.67
CA GLU A 12 -1.94 -1.42 1.06
C GLU A 12 -0.71 -0.95 1.82
N ILE A 13 0.43 -0.94 1.15
CA ILE A 13 1.68 -0.51 1.77
C ILE A 13 1.99 0.95 1.44
N CYS A 14 2.17 1.76 2.47
CA CYS A 14 2.47 3.18 2.29
C CYS A 14 3.92 3.48 2.69
N PHE A 15 4.71 3.91 1.72
CA PHE A 15 6.11 4.23 1.95
C PHE A 15 6.25 5.33 3.01
N SER A 16 7.48 5.73 3.28
CA SER A 16 7.75 6.77 4.27
C SER A 16 7.07 8.08 3.88
N ASP A 17 7.38 8.57 2.68
CA ASP A 17 6.80 9.80 2.18
C ASP A 17 5.62 9.53 1.27
N GLY A 1 5.40 9.57 1.37
CA GLY A 1 4.04 9.92 1.00
C GLY A 1 3.54 9.11 -0.17
N HIS A 2 3.95 7.85 -0.24
CA HIS A 2 3.53 6.96 -1.32
C HIS A 2 2.69 5.82 -0.78
N CYS A 3 1.64 5.46 -1.52
CA CYS A 3 0.75 4.39 -1.13
C CYS A 3 0.21 3.63 -2.35
N ILE A 4 0.13 2.32 -2.24
CA ILE A 4 -0.37 1.49 -3.33
C ILE A 4 -1.12 0.27 -2.80
N GLN A 5 -1.91 -0.35 -3.66
CA GLN A 5 -2.68 -1.53 -3.29
C GLN A 5 -1.96 -2.81 -3.71
N VAL A 6 -2.03 -3.83 -2.86
CA VAL A 6 -1.39 -5.11 -3.16
C VAL A 6 -2.21 -6.27 -2.61
N PRO A 7 -1.99 -7.46 -3.18
CA PRO A 7 -2.71 -8.68 -2.77
C PRO A 7 -2.29 -9.15 -1.38
N PRO A 8 -3.26 -9.68 -0.63
CA PRO A 8 -4.66 -9.80 -1.08
C PRO A 8 -5.34 -8.44 -1.19
N MET A 9 -6.51 -8.42 -1.84
CA MET A 9 -7.27 -7.19 -2.02
C MET A 9 -7.23 -6.34 -0.75
N ALA A 10 -7.29 -7.00 0.40
CA ALA A 10 -7.26 -6.31 1.68
C ALA A 10 -5.83 -6.12 2.18
N THR A 11 -5.08 -5.28 1.50
CA THR A 11 -3.69 -5.02 1.87
C THR A 11 -3.18 -3.75 1.22
N GLU A 12 -3.12 -2.67 1.99
CA GLU A 12 -2.64 -1.38 1.49
C GLU A 12 -1.32 -1.00 2.15
N ILE A 13 -0.27 -0.91 1.34
CA ILE A 13 1.05 -0.55 1.83
C ILE A 13 1.33 0.93 1.62
N CYS A 14 1.86 1.57 2.66
CA CYS A 14 2.18 3.00 2.59
C CYS A 14 3.64 3.25 2.96
N PHE A 15 4.42 3.73 2.01
CA PHE A 15 5.83 4.02 2.23
C PHE A 15 6.00 5.29 3.06
N SER A 16 7.24 5.56 3.46
CA SER A 16 7.54 6.75 4.25
C SER A 16 7.75 7.97 3.36
N ASP A 17 7.59 7.77 2.06
CA ASP A 17 7.77 8.86 1.10
C ASP A 17 6.43 9.27 0.51
N GLY A 1 4.50 9.06 1.89
CA GLY A 1 3.09 9.22 1.58
C GLY A 1 2.63 8.26 0.50
N HIS A 2 3.48 8.03 -0.49
CA HIS A 2 3.15 7.12 -1.59
C HIS A 2 2.66 5.78 -1.05
N CYS A 3 1.73 5.17 -1.76
CA CYS A 3 1.18 3.88 -1.36
C CYS A 3 1.00 2.96 -2.57
N ILE A 4 0.70 1.70 -2.30
CA ILE A 4 0.50 0.72 -3.37
C ILE A 4 -0.54 -0.32 -2.97
N GLN A 5 -1.31 -0.78 -3.96
CA GLN A 5 -2.35 -1.78 -3.71
C GLN A 5 -1.87 -3.18 -4.13
N VAL A 6 -2.08 -4.15 -3.25
CA VAL A 6 -1.68 -5.52 -3.53
C VAL A 6 -2.60 -6.52 -2.84
N PRO A 7 -2.63 -7.76 -3.36
CA PRO A 7 -3.47 -8.83 -2.80
C PRO A 7 -2.96 -9.31 -1.44
N PRO A 8 -3.90 -9.66 -0.55
CA PRO A 8 -5.34 -9.57 -0.84
C PRO A 8 -5.83 -8.14 -0.95
N MET A 9 -7.05 -7.98 -1.45
CA MET A 9 -7.64 -6.65 -1.61
C MET A 9 -7.34 -5.78 -0.39
N ALA A 10 -7.34 -6.39 0.79
CA ALA A 10 -7.06 -5.67 2.03
C ALA A 10 -5.58 -5.68 2.34
N THR A 11 -4.79 -4.95 1.55
CA THR A 11 -3.35 -4.89 1.75
C THR A 11 -2.75 -3.70 0.99
N GLU A 12 -2.54 -2.60 1.69
CA GLU A 12 -1.98 -1.40 1.08
C GLU A 12 -0.72 -0.95 1.83
N ILE A 13 0.41 -0.94 1.13
CA ILE A 13 1.67 -0.53 1.73
C ILE A 13 1.98 0.93 1.40
N CYS A 14 2.21 1.73 2.44
CA CYS A 14 2.51 3.13 2.27
C CYS A 14 3.96 3.42 2.67
N PHE A 15 4.75 3.95 1.74
CA PHE A 15 6.14 4.27 1.99
C PHE A 15 6.26 5.37 3.04
N SER A 16 7.49 5.78 3.33
CA SER A 16 7.75 6.82 4.32
C SER A 16 7.06 8.12 3.92
N ASP A 17 7.38 8.60 2.72
CA ASP A 17 6.80 9.84 2.21
C ASP A 17 5.63 9.55 1.27
N GLY A 1 5.21 9.69 1.44
CA GLY A 1 3.84 9.97 1.07
C GLY A 1 3.37 9.13 -0.11
N HIS A 2 3.86 7.90 -0.18
CA HIS A 2 3.49 7.00 -1.26
C HIS A 2 2.67 5.82 -0.74
N CYS A 3 1.67 5.41 -1.51
CA CYS A 3 0.81 4.31 -1.12
C CYS A 3 0.34 3.53 -2.35
N ILE A 4 0.25 2.22 -2.21
CA ILE A 4 -0.19 1.36 -3.31
C ILE A 4 -1.00 0.17 -2.79
N GLN A 5 -1.78 -0.44 -3.68
CA GLN A 5 -2.59 -1.59 -3.31
C GLN A 5 -1.92 -2.89 -3.74
N VAL A 6 -2.03 -3.91 -2.89
CA VAL A 6 -1.43 -5.21 -3.17
C VAL A 6 -2.30 -6.35 -2.63
N PRO A 7 -2.12 -7.54 -3.19
CA PRO A 7 -2.88 -8.73 -2.78
C PRO A 7 -2.48 -9.23 -1.39
N PRO A 8 -3.47 -9.71 -0.63
CA PRO A 8 -4.85 -9.78 -1.09
C PRO A 8 -5.49 -8.40 -1.20
N MET A 9 -6.66 -8.34 -1.84
CA MET A 9 -7.37 -7.08 -2.03
C MET A 9 -7.30 -6.23 -0.76
N ALA A 10 -7.39 -6.89 0.40
CA ALA A 10 -7.34 -6.21 1.67
C ALA A 10 -5.91 -6.08 2.18
N THR A 11 -5.12 -5.25 1.50
CA THR A 11 -3.72 -5.04 1.88
C THR A 11 -3.16 -3.78 1.23
N GLU A 12 -3.09 -2.71 2.02
CA GLU A 12 -2.58 -1.44 1.52
C GLU A 12 -1.21 -1.13 2.13
N ILE A 13 -0.18 -1.10 1.29
CA ILE A 13 1.18 -0.83 1.74
C ILE A 13 1.57 0.62 1.44
N CYS A 14 2.04 1.32 2.47
CA CYS A 14 2.45 2.72 2.32
C CYS A 14 3.93 2.88 2.61
N PHE A 15 4.50 3.98 2.16
CA PHE A 15 5.92 4.26 2.37
C PHE A 15 6.10 5.53 3.20
N SER A 16 7.36 5.84 3.52
CA SER A 16 7.68 7.02 4.31
C SER A 16 7.79 8.26 3.42
N ASP A 17 7.56 8.07 2.13
CA ASP A 17 7.63 9.17 1.17
C ASP A 17 6.25 9.45 0.57
N GLY A 1 4.53 9.15 1.86
CA GLY A 1 3.15 9.40 1.49
C GLY A 1 2.66 8.44 0.43
N HIS A 2 3.52 8.15 -0.54
CA HIS A 2 3.17 7.24 -1.63
C HIS A 2 2.74 5.88 -1.09
N CYS A 3 1.79 5.25 -1.77
CA CYS A 3 1.28 3.95 -1.36
C CYS A 3 0.98 3.07 -2.57
N ILE A 4 0.74 1.79 -2.31
CA ILE A 4 0.45 0.84 -3.39
C ILE A 4 -0.51 -0.25 -2.91
N GLN A 5 -1.37 -0.71 -3.81
CA GLN A 5 -2.32 -1.76 -3.48
C GLN A 5 -1.81 -3.13 -3.91
N VAL A 6 -2.05 -4.13 -3.06
CA VAL A 6 -1.60 -5.49 -3.36
C VAL A 6 -2.55 -6.52 -2.74
N PRO A 7 -2.52 -7.75 -3.28
CA PRO A 7 -3.36 -8.85 -2.80
C PRO A 7 -2.93 -9.34 -1.43
N PRO A 8 -3.91 -9.72 -0.59
CA PRO A 8 -5.34 -9.67 -0.96
C PRO A 8 -5.85 -8.23 -1.08
N MET A 9 -7.04 -8.08 -1.63
CA MET A 9 -7.64 -6.77 -1.80
C MET A 9 -7.42 -5.91 -0.56
N ALA A 10 -7.48 -6.54 0.61
CA ALA A 10 -7.28 -5.82 1.87
C ALA A 10 -5.81 -5.82 2.27
N THR A 11 -5.00 -5.08 1.51
CA THR A 11 -3.57 -4.99 1.78
C THR A 11 -2.94 -3.81 1.06
N GLU A 12 -2.74 -2.72 1.78
CA GLU A 12 -2.15 -1.52 1.20
C GLU A 12 -0.91 -1.09 1.98
N ILE A 13 0.23 -1.07 1.31
CA ILE A 13 1.48 -0.68 1.94
C ILE A 13 1.91 0.72 1.50
N CYS A 14 2.24 1.56 2.48
CA CYS A 14 2.67 2.92 2.20
C CYS A 14 4.16 3.08 2.43
N PHE A 15 4.73 4.14 1.85
CA PHE A 15 6.16 4.41 1.99
C PHE A 15 6.40 5.55 2.99
N SER A 16 7.67 5.91 3.16
CA SER A 16 8.04 6.98 4.08
C SER A 16 7.41 8.30 3.66
N ASP A 17 7.51 8.61 2.37
CA ASP A 17 6.95 9.85 1.83
C ASP A 17 5.48 9.99 2.23
N GLY A 1 5.10 9.73 1.45
CA GLY A 1 3.71 9.95 1.09
C GLY A 1 3.29 9.09 -0.09
N HIS A 2 3.83 7.87 -0.17
CA HIS A 2 3.50 6.96 -1.26
C HIS A 2 2.70 5.77 -0.74
N CYS A 3 1.72 5.34 -1.52
CA CYS A 3 0.87 4.22 -1.13
C CYS A 3 0.43 3.43 -2.37
N ILE A 4 0.36 2.11 -2.21
CA ILE A 4 -0.05 1.23 -3.31
C ILE A 4 -0.89 0.06 -2.81
N GLN A 5 -1.71 -0.49 -3.68
CA GLN A 5 -2.56 -1.63 -3.32
C GLN A 5 -1.94 -2.94 -3.78
N VAL A 6 -2.07 -3.97 -2.95
CA VAL A 6 -1.51 -5.28 -3.26
C VAL A 6 -2.40 -6.40 -2.71
N PRO A 7 -2.27 -7.60 -3.30
CA PRO A 7 -3.05 -8.77 -2.86
C PRO A 7 -2.62 -9.28 -1.49
N PRO A 8 -3.60 -9.76 -0.71
CA PRO A 8 -5.00 -9.78 -1.13
C PRO A 8 -5.61 -8.39 -1.22
N MET A 9 -6.79 -8.30 -1.81
CA MET A 9 -7.48 -7.02 -1.96
C MET A 9 -7.36 -6.19 -0.69
N ALA A 10 -7.42 -6.86 0.46
CA ALA A 10 -7.31 -6.17 1.74
C ALA A 10 -5.86 -6.09 2.20
N THR A 11 -5.07 -5.27 1.50
CA THR A 11 -3.66 -5.10 1.82
C THR A 11 -3.09 -3.85 1.16
N GLU A 12 -2.99 -2.78 1.93
CA GLU A 12 -2.46 -1.52 1.43
C GLU A 12 -1.15 -1.15 2.11
N ILE A 13 -0.07 -1.10 1.34
CA ILE A 13 1.24 -0.76 1.87
C ILE A 13 1.63 0.67 1.55
N CYS A 14 2.13 1.40 2.53
CA CYS A 14 2.53 2.78 2.35
C CYS A 14 4.02 2.97 2.67
N PHE A 15 4.59 4.06 2.19
CA PHE A 15 6.00 4.35 2.42
C PHE A 15 6.17 5.62 3.24
N SER A 16 7.42 5.98 3.54
CA SER A 16 7.70 7.17 4.32
C SER A 16 7.77 8.41 3.44
N ASP A 17 7.52 8.20 2.15
CA ASP A 17 7.54 9.30 1.19
C ASP A 17 6.15 9.53 0.59
N GLY A 1 5.28 9.69 1.42
CA GLY A 1 3.91 10.01 1.06
C GLY A 1 3.41 9.20 -0.12
N HIS A 2 3.87 7.96 -0.21
CA HIS A 2 3.47 7.07 -1.30
C HIS A 2 2.70 5.87 -0.76
N CYS A 3 1.66 5.46 -1.50
CA CYS A 3 0.83 4.33 -1.10
C CYS A 3 0.33 3.56 -2.32
N ILE A 4 0.25 2.25 -2.19
CA ILE A 4 -0.22 1.41 -3.28
C ILE A 4 -1.02 0.22 -2.76
N GLN A 5 -1.76 -0.43 -3.64
CA GLN A 5 -2.57 -1.59 -3.27
C GLN A 5 -1.90 -2.88 -3.70
N VAL A 6 -2.01 -3.90 -2.86
CA VAL A 6 -1.41 -5.20 -3.14
C VAL A 6 -2.27 -6.34 -2.61
N PRO A 7 -2.10 -7.54 -3.18
CA PRO A 7 -2.85 -8.73 -2.78
C PRO A 7 -2.46 -9.22 -1.39
N PRO A 8 -3.45 -9.71 -0.63
CA PRO A 8 -4.84 -9.78 -1.09
C PRO A 8 -5.48 -8.40 -1.21
N MET A 9 -6.64 -8.34 -1.86
CA MET A 9 -7.35 -7.08 -2.03
C MET A 9 -7.30 -6.23 -0.76
N ALA A 10 -7.38 -6.90 0.39
CA ALA A 10 -7.33 -6.21 1.67
C ALA A 10 -5.91 -6.09 2.18
N THR A 11 -5.11 -5.25 1.51
CA THR A 11 -3.73 -5.06 1.88
C THR A 11 -3.16 -3.79 1.24
N GLU A 12 -3.10 -2.72 2.03
CA GLU A 12 -2.58 -1.45 1.53
C GLU A 12 -1.20 -1.16 2.12
N ILE A 13 -0.18 -1.13 1.26
CA ILE A 13 1.19 -0.86 1.70
C ILE A 13 1.57 0.59 1.43
N CYS A 14 1.97 1.28 2.48
CA CYS A 14 2.38 2.68 2.37
C CYS A 14 3.87 2.84 2.63
N PHE A 15 4.42 3.97 2.19
CA PHE A 15 5.85 4.24 2.37
C PHE A 15 6.05 5.52 3.18
N SER A 16 7.30 5.82 3.51
CA SER A 16 7.63 7.00 4.29
C SER A 16 7.78 8.21 3.39
N ASP A 17 7.57 8.01 2.09
CA ASP A 17 7.67 9.10 1.12
C ASP A 17 6.30 9.44 0.54
#